data_1JBS
#
_entry.id   1JBS
#
_cell.length_a   62.511
_cell.length_b   101.863
_cell.length_c   41.092
_cell.angle_alpha   90.00
_cell.angle_beta   92.97
_cell.angle_gamma   90.00
#
_symmetry.space_group_name_H-M   'P 1 21 1'
#
loop_
_entity.id
_entity.type
_entity.pdbx_description
1 polymer '29-mer sarcin/ricin domain RNA analog'
2 polymer restrictocin
3 non-polymer 'POTASSIUM ION'
4 water water
#
loop_
_entity_poly.entity_id
_entity_poly.type
_entity_poly.pdbx_seq_one_letter_code
_entity_poly.pdbx_strand_id
1 'polyribonucleotide' (OMC)(OMG)(OMC)(OMU)(OMC)(OMC)UCAGUACGAUAGGAACC(OMG)(OMG)(A2M)(OMG)(OMC)(OMG) C,D
2 'polypeptide(L)'
;ATWTCINQQLNPKTNKWEDKRLLYSQAKAESNSHHAPLSDGKTGSSYPHWFTNGYDGNGKLIKGRTPIKFGKADCDRPPK
HSQNGMGKDDHYLLEFPTFPDGHDYKFDSKKPKEDPGPARVIYTYPNKVFCGIVAHQRGNQGDLRLCSH
;
A,B
#
loop_
_chem_comp.id
_chem_comp.type
_chem_comp.name
_chem_comp.formula
A RNA linking ADENOSINE-5'-MONOPHOSPHATE 'C10 H14 N5 O7 P'
A2M RNA linking '2'-O-methyladenosine 5'-(dihydrogen phosphate)' 'C11 H16 N5 O7 P'
C RNA linking CYTIDINE-5'-MONOPHOSPHATE 'C9 H14 N3 O8 P'
G RNA linking GUANOSINE-5'-MONOPHOSPHATE 'C10 H14 N5 O8 P'
K non-polymer 'POTASSIUM ION' 'K 1'
OMC RNA linking O2'-METHYLYCYTIDINE-5'-MONOPHOSPHATE 'C10 H16 N3 O8 P'
OMG RNA linking O2'-METHYLGUANOSINE-5'-MONOPHOSPHATE 'C11 H16 N5 O8 P'
OMU RNA linking 'O2'-METHYLURIDINE 5'-MONOPHOSPHATE' 'C10 H15 N2 O9 P'
U RNA linking URIDINE-5'-MONOPHOSPHATE 'C9 H13 N2 O9 P'
#
# COMPACT_ATOMS: atom_id res chain seq x y z
N1 OMC A 1 -3.84 -0.95 1.78
C2 OMC A 1 -2.84 0.01 1.96
N3 OMC A 1 -2.20 0.49 0.87
C4 OMC A 1 -2.52 0.07 -0.35
C5 OMC A 1 -3.56 -0.89 -0.57
C6 OMC A 1 -4.19 -1.36 0.52
O2 OMC A 1 -2.57 0.40 3.11
N4 OMC A 1 -1.84 0.59 -1.39
C1' OMC A 1 -4.47 -1.54 2.98
C2' OMC A 1 -5.48 -0.62 3.67
O2' OMC A 1 -5.59 -0.94 5.05
CM2 OMC A 1 -4.38 -0.87 5.83
C3' OMC A 1 -6.74 -0.94 2.87
C4' OMC A 1 -6.62 -2.45 2.73
O4' OMC A 1 -5.19 -2.70 2.59
O3' OMC A 1 -7.93 -0.55 3.53
C5' OMC A 1 -7.35 -3.06 1.56
O5' OMC A 1 -7.10 -2.33 0.36
P OMG A 2 -8.67 0.83 3.14
OP1 OMG A 2 -9.93 0.86 3.93
OP2 OMG A 2 -8.70 0.99 1.66
O5' OMG A 2 -7.69 1.94 3.71
C5' OMG A 2 -7.56 2.15 5.11
C4' OMG A 2 -6.59 3.26 5.36
O4' OMG A 2 -5.29 2.89 4.84
C3' OMG A 2 -6.89 4.56 4.64
O3' OMG A 2 -7.92 5.29 5.32
C2' OMG A 2 -5.53 5.26 4.68
O2' OMG A 2 -5.22 5.81 5.95
CM2 OMG A 2 -3.84 6.21 6.17
C1' OMG A 2 -4.62 4.07 4.36
N9 OMG A 2 -4.32 3.91 2.94
C8 OMG A 2 -4.80 2.95 2.09
N7 OMG A 2 -4.29 3.03 0.88
C5 OMG A 2 -3.43 4.11 0.96
C6 OMG A 2 -2.59 4.69 -0.03
O6 OMG A 2 -2.41 4.33 -1.20
N1 OMG A 2 -1.91 5.79 0.46
C2 OMG A 2 -2.01 6.28 1.74
N2 OMG A 2 -1.27 7.36 2.03
N3 OMG A 2 -2.77 5.74 2.67
C4 OMG A 2 -3.45 4.68 2.22
N1 OMC A 3 -5.11 8.34 1.67
C2 OMC A 3 -4.33 8.61 0.54
N3 OMC A 3 -4.34 7.74 -0.49
C4 OMC A 3 -5.10 6.66 -0.44
C5 OMC A 3 -5.93 6.37 0.69
C6 OMC A 3 -5.90 7.23 1.71
O2 OMC A 3 -3.64 9.65 0.51
N4 OMC A 3 -5.07 5.83 -1.48
C1' OMC A 3 -5.02 9.27 2.81
C2' OMC A 3 -5.87 10.53 2.66
O2' OMC A 3 -5.29 11.61 3.39
CM2 OMC A 3 -3.86 11.83 3.31
C3' OMC A 3 -7.17 10.04 3.28
C4' OMC A 3 -6.66 9.27 4.48
O4' OMC A 3 -5.46 8.60 3.97
O3' OMC A 3 -8.04 11.11 3.65
C5' OMC A 3 -7.59 8.24 5.09
O5' OMC A 3 -8.21 7.46 4.08
P OMC A 3 -9.00 6.13 4.46
OP1 OMC A 3 -10.09 6.49 5.42
OP2 OMC A 3 -9.35 5.46 3.18
N1 OMU A 4 -5.82 12.29 -1.60
C2 OMU A 4 -5.30 12.08 -2.87
N3 OMU A 4 -5.46 10.82 -3.37
C4 OMU A 4 -6.07 9.74 -2.75
C5 OMU A 4 -6.60 10.03 -1.44
C6 OMU A 4 -6.47 11.27 -0.93
O2 OMU A 4 -4.73 12.97 -3.51
O4 OMU A 4 -6.11 8.66 -3.32
C1' OMU A 4 -5.63 13.63 -1.01
C2' OMU A 4 -6.62 14.70 -1.48
O2' OMU A 4 -6.03 15.99 -1.40
CM2 OMU A 4 -4.72 16.22 -2.01
C3' OMU A 4 -7.72 14.49 -0.46
C4' OMU A 4 -6.91 14.37 0.81
O3' OMU A 4 -8.67 15.55 -0.38
O4' OMU A 4 -5.80 13.53 0.40
C5' OMU A 4 -7.60 13.73 1.98
O5' OMU A 4 -8.19 12.51 1.59
P OMU A 4 -9.10 11.69 2.59
OP1 OMU A 4 -9.98 12.66 3.29
OP2 OMU A 4 -9.72 10.59 1.80
N1 OMC A 5 -7.75 13.71 -5.73
C2 OMC A 5 -7.45 12.81 -6.77
N3 OMC A 5 -7.64 11.48 -6.57
C4 OMC A 5 -8.11 11.04 -5.40
C5 OMC A 5 -8.43 11.93 -4.33
C6 OMC A 5 -8.24 13.24 -4.54
O2 OMC A 5 -7.02 13.25 -7.86
N4 OMC A 5 -8.28 9.73 -5.25
C1' OMC A 5 -7.51 15.15 -5.97
C2' OMC A 5 -8.64 15.78 -6.78
O2' OMC A 5 -8.18 16.86 -7.60
CM2 OMC A 5 -6.86 16.75 -8.19
C3' OMC A 5 -9.58 16.17 -5.64
C4' OMC A 5 -8.59 16.76 -4.66
O4' OMC A 5 -7.46 15.84 -4.73
O3' OMC A 5 -10.61 17.06 -6.03
C5' OMC A 5 -9.05 16.88 -3.23
O5' OMC A 5 -9.55 15.63 -2.75
P OMC A 5 -10.03 15.47 -1.25
OP1 OMC A 5 -10.83 16.65 -0.86
OP2 OMC A 5 -10.65 14.11 -1.12
N1 OMC A 6 -10.56 12.72 -9.80
C2 OMC A 6 -10.66 11.41 -10.33
N3 OMC A 6 -10.85 10.36 -9.50
C4 OMC A 6 -10.95 10.57 -8.19
C5 OMC A 6 -10.88 11.87 -7.61
C6 OMC A 6 -10.69 12.91 -8.45
O2 OMC A 6 -10.57 11.27 -11.57
N4 OMC A 6 -11.11 9.49 -7.41
C1' OMC A 6 -10.26 13.84 -10.73
C2' OMC A 6 -11.40 14.21 -11.68
O2' OMC A 6 -10.93 14.73 -12.91
CM2 OMC A 6 -10.22 13.84 -13.79
C3' OMC A 6 -12.12 15.26 -10.83
C4' OMC A 6 -10.96 16.03 -10.24
O4' OMC A 6 -9.96 15.01 -9.97
O3' OMC A 6 -12.97 16.10 -11.60
C5' OMC A 6 -11.24 16.81 -8.97
O5' OMC A 6 -11.78 15.94 -7.97
P OMC A 6 -12.04 16.47 -6.50
OP1 OMC A 6 -12.97 17.62 -6.55
OP2 OMC A 6 -12.40 15.30 -5.68
P OMG A 24 -10.07 -0.69 -11.21
OP1 OMG A 24 -9.07 -1.68 -11.70
OP2 OMG A 24 -9.99 -0.23 -9.80
O5' OMG A 24 -10.01 0.57 -12.18
C5' OMG A 24 -10.17 0.38 -13.59
C4' OMG A 24 -10.26 1.70 -14.28
O4' OMG A 24 -11.49 2.39 -13.86
C3' OMG A 24 -9.18 2.72 -13.94
O3' OMG A 24 -7.95 2.42 -14.60
C2' OMG A 24 -9.83 4.00 -14.41
O2' OMG A 24 -9.89 4.09 -15.82
CM2 OMG A 24 -10.83 5.03 -16.42
C1' OMG A 24 -11.24 3.80 -13.81
N9 OMG A 24 -11.33 4.28 -12.44
C8 OMG A 24 -11.52 3.54 -11.29
N7 OMG A 24 -11.55 4.27 -10.22
C5 OMG A 24 -11.37 5.57 -10.67
C6 OMG A 24 -11.31 6.79 -9.96
O6 OMG A 24 -11.39 6.99 -8.75
N1 OMG A 24 -11.13 7.88 -10.81
C2 OMG A 24 -11.01 7.79 -12.18
N2 OMG A 24 -10.82 8.94 -12.84
N3 OMG A 24 -11.06 6.66 -12.86
C4 OMG A 24 -11.24 5.60 -12.04
P OMG A 25 -6.56 2.74 -13.86
OP1 OMG A 25 -5.52 2.12 -14.71
OP2 OMG A 25 -6.64 2.40 -12.42
O5' OMG A 25 -6.41 4.33 -14.00
C5' OMG A 25 -6.32 4.94 -15.30
C4' OMG A 25 -6.32 6.45 -15.18
O4' OMG A 25 -7.56 6.92 -14.56
C3' OMG A 25 -5.25 7.07 -14.31
O3' OMG A 25 -3.96 7.12 -14.92
C2' OMG A 25 -5.82 8.45 -14.03
O2' OMG A 25 -5.70 9.39 -15.08
CM2 OMG A 25 -6.40 10.67 -14.93
C1' OMG A 25 -7.29 8.06 -13.77
N9 OMG A 25 -7.52 7.73 -12.36
C8 OMG A 25 -7.82 6.51 -11.82
N7 OMG A 25 -8.01 6.55 -10.52
C5 OMG A 25 -7.82 7.89 -10.20
C6 OMG A 25 -7.90 8.55 -8.94
O6 OMG A 25 -8.17 8.08 -7.85
N1 OMG A 25 -7.63 9.91 -9.07
C2 OMG A 25 -7.31 10.55 -10.25
N2 OMG A 25 -7.07 11.87 -10.15
N3 OMG A 25 -7.24 9.95 -11.41
C4 OMG A 25 -7.50 8.62 -11.32
P A2M A 26 -2.66 6.81 -14.02
OP1 A2M A 26 -1.53 6.57 -14.96
O5' A2M A 26 -2.37 8.16 -13.24
C5' A2M A 26 -2.57 9.43 -13.85
C4' A2M A 26 -2.33 10.54 -12.85
O4' A2M A 26 -3.54 10.76 -12.08
C3' A2M A 26 -1.28 10.25 -11.79
O3' A2M A 26 0.03 10.42 -12.30
C2' A2M A 26 -1.67 11.22 -10.68
O2' A2M A 26 -1.21 12.56 -10.82
C1' A2M A 26 -3.20 11.13 -10.75
CM' A2M A 26 -2.07 13.58 -11.38
N9 A2M A 26 -3.75 10.13 -9.82
C8 A2M A 26 -4.13 8.84 -10.07
N7 A2M A 26 -4.60 8.22 -9.01
C5 A2M A 26 -4.52 9.18 -8.01
C6 A2M A 26 -4.88 9.15 -6.65
N6 A2M A 26 -5.40 8.07 -6.05
N1 A2M A 26 -4.66 10.27 -5.91
C2 A2M A 26 -4.13 11.34 -6.52
N3 A2M A 26 -3.77 11.49 -7.80
C4 A2M A 26 -4.00 10.36 -8.49
OP2 A2M A 26 -3.01 5.79 -13.00
P OMG A 27 1.27 9.76 -11.52
OP1 OMG A 27 2.50 10.09 -12.28
OP2 OMG A 27 0.95 8.34 -11.24
O5' OMG A 27 1.29 10.57 -10.15
C5' OMG A 27 1.71 9.98 -8.94
C4' OMG A 27 1.43 10.92 -7.81
O4' OMG A 27 -0.02 11.02 -7.61
C3' OMG A 27 1.97 10.51 -6.46
O3' OMG A 27 3.30 10.93 -6.32
C2' OMG A 27 1.03 11.24 -5.51
O2' OMG A 27 1.36 12.61 -5.38
CM2 OMG A 27 0.49 13.41 -4.54
C1' OMG A 27 -0.30 11.05 -6.23
N9 OMG A 27 -1.01 9.82 -5.87
C8 OMG A 27 -1.27 8.73 -6.67
N7 OMG A 27 -1.99 7.82 -6.07
C5 OMG A 27 -2.21 8.34 -4.81
C6 OMG A 27 -2.94 7.80 -3.71
O6 OMG A 27 -3.55 6.72 -3.65
N1 OMG A 27 -2.92 8.67 -2.62
C2 OMG A 27 -2.28 9.89 -2.58
N2 OMG A 27 -2.36 10.59 -1.45
N3 OMG A 27 -1.60 10.39 -3.60
C4 OMG A 27 -1.61 9.56 -4.67
N1 OMC A 28 1.20 9.04 -1.63
C2 OMC A 28 0.39 8.26 -0.78
N3 OMC A 28 -0.19 7.13 -1.26
C4 OMC A 28 0.02 6.76 -2.53
C5 OMC A 28 0.86 7.52 -3.42
C6 OMC A 28 1.42 8.63 -2.92
O2 OMC A 28 0.22 8.63 0.40
N4 OMC A 28 -0.57 5.64 -2.97
C1' OMC A 28 1.76 10.29 -1.10
C2' OMC A 28 2.92 10.03 -0.14
O2' OMC A 28 3.03 11.08 0.83
CM2 OMC A 28 1.85 11.42 1.60
C3' OMC A 28 4.06 9.96 -1.13
C4' OMC A 28 3.75 11.15 -2.02
O4' OMC A 28 2.31 11.04 -2.19
O3' OMC A 28 5.37 9.98 -0.56
C5' OMC A 28 4.43 11.18 -3.37
O5' OMC A 28 4.09 10.02 -4.11
P OMC A 28 4.37 9.94 -5.67
OP1 OMC A 28 5.71 10.54 -5.97
OP2 OMC A 28 4.09 8.55 -6.10
P OMG A 29 6.17 8.59 -0.37
OP1 OMG A 29 7.58 8.95 -0.08
OP2 OMG A 29 5.85 7.68 -1.50
O5' OMG A 29 5.52 7.98 0.95
C5' OMG A 29 5.28 8.80 2.09
C4' OMG A 29 4.33 8.11 3.03
O4' OMG A 29 3.07 7.86 2.35
C3' OMG A 29 4.76 6.72 3.47
O3' OMG A 29 5.72 6.83 4.51
C2' OMG A 29 3.43 6.11 3.92
O2' OMG A 29 3.06 6.57 5.21
CM2 OMG A 29 1.70 6.32 5.65
C1' OMG A 29 2.48 6.68 2.87
N9 OMG A 29 2.14 5.78 1.77
C8 OMG A 29 2.59 5.85 0.46
N7 OMG A 29 2.04 4.95 -0.32
C5 OMG A 29 1.19 4.24 0.53
C6 OMG A 29 0.32 3.13 0.25
O6 OMG A 29 0.12 2.56 -0.84
N1 OMG A 29 -0.34 2.72 1.39
C2 OMG A 29 -0.20 3.27 2.63
N2 OMG A 29 -0.93 2.70 3.61
N3 OMG A 29 0.60 4.29 2.91
C4 OMG A 29 1.26 4.72 1.81
N1 OMC B 1 2.66 1.04 2.41
C2 OMC B 1 1.62 0.12 2.64
N3 OMC B 1 1.12 -0.57 1.59
C4 OMC B 1 1.61 -0.38 0.36
C5 OMC B 1 2.68 0.52 0.12
C6 OMC B 1 3.17 1.20 1.16
O2 OMC B 1 1.18 -0.04 3.79
N4 OMC B 1 1.07 -1.06 -0.66
C1' OMC B 1 3.15 1.85 3.54
C2' OMC B 1 3.97 1.10 4.60
O2' OMC B 1 3.78 1.68 5.87
CM2 OMC B 1 2.46 1.62 6.43
C3' OMC B 1 5.38 1.33 4.07
C4' OMC B 1 5.32 2.78 3.64
O4' OMC B 1 3.99 2.89 3.05
O3' OMC B 1 6.39 1.13 5.06
C5' OMC B 1 6.35 3.20 2.62
O5' OMC B 1 6.21 2.46 1.39
P OMG B 2 7.17 -0.28 5.11
OP1 OMG B 2 8.32 -0.13 6.04
OP2 OMG B 2 7.42 -0.68 3.69
O5' OMG B 2 6.12 -1.28 5.77
C5' OMG B 2 5.85 -1.28 7.18
C4' OMG B 2 4.77 -2.29 7.50
O4' OMG B 2 3.60 -2.05 6.68
C3' OMG B 2 5.09 -3.75 7.18
O3' OMG B 2 5.94 -4.37 8.13
C2' OMG B 2 3.71 -4.37 7.10
O2' OMG B 2 3.13 -4.62 8.37
CM2 OMG B 2 1.83 -5.27 8.35
C1' OMG B 2 2.96 -3.27 6.36
N9 OMG B 2 2.91 -3.41 4.90
C8 OMG B 2 3.53 -2.63 3.95
N7 OMG B 2 3.18 -2.94 2.73
C5 OMG B 2 2.29 -4.00 2.88
C6 OMG B 2 1.58 -4.75 1.91
O6 OMG B 2 1.58 -4.62 0.69
N1 OMG B 2 0.80 -5.74 2.50
C2 OMG B 2 0.71 -5.99 3.84
N2 OMG B 2 -0.08 -7.00 4.22
N3 OMG B 2 1.36 -5.29 4.76
C4 OMG B 2 2.13 -4.32 4.21
N1 OMC B 3 3.90 -8.09 4.82
C2 OMC B 3 3.32 -8.58 3.64
N3 OMC B 3 3.51 -7.90 2.48
C4 OMC B 3 4.24 -6.79 2.46
C5 OMC B 3 4.88 -6.29 3.64
C6 OMC B 3 4.68 -6.97 4.78
O2 OMC B 3 2.65 -9.62 3.70
N4 OMC B 3 4.36 -6.14 1.30
C1' OMC B 3 3.62 -8.79 6.09
C2' OMC B 3 4.45 -10.05 6.32
O2' OMC B 3 3.72 -10.98 7.11
CM2 OMC B 3 2.39 -11.38 6.70
C3' OMC B 3 5.65 -9.45 7.03
C4' OMC B 3 4.97 -8.48 8.00
O4' OMC B 3 3.90 -7.92 7.18
O3' OMC B 3 6.48 -10.39 7.71
C5' OMC B 3 5.80 -7.36 8.54
O5' OMC B 3 6.52 -6.75 7.47
P OMC B 3 7.15 -5.29 7.61
OP1 OMC B 3 8.18 -5.30 8.66
OP2 OMC B 3 7.49 -4.86 6.24
N1 OMU B 4 5.40 -12.27 2.42
C2 OMU B 4 5.17 -12.17 1.04
N3 OMU B 4 5.40 -10.91 0.52
C4 OMU B 4 5.84 -9.80 1.19
C5 OMU B 4 6.08 -10.00 2.60
C6 OMU B 4 5.87 -11.20 3.14
O2 OMU B 4 4.80 -13.08 0.35
O4 OMU B 4 6.00 -8.74 0.58
C1' OMU B 4 5.11 -13.55 3.09
C2' OMU B 4 6.18 -14.63 2.88
O2' OMU B 4 5.60 -15.92 2.93
CM2 OMU B 4 4.48 -16.25 2.05
C3' OMU B 4 7.10 -14.32 4.06
C4' OMU B 4 6.08 -14.08 5.17
O3' OMU B 4 8.05 -15.33 4.36
O4' OMU B 4 5.03 -13.33 4.50
C5' OMU B 4 6.58 -13.29 6.37
O5' OMU B 4 7.17 -12.05 5.94
P OMU B 4 7.78 -11.01 6.97
OP1 OMU B 4 8.52 -11.73 8.04
OP2 OMU B 4 8.46 -9.96 6.18
N1 OMC B 5 7.96 -13.92 -1.14
C2 OMC B 5 7.81 -13.08 -2.27
N3 OMC B 5 7.95 -11.74 -2.13
C4 OMC B 5 8.24 -11.23 -0.92
C5 OMC B 5 8.43 -12.07 0.23
C6 OMC B 5 8.28 -13.39 0.07
O2 OMC B 5 7.55 -13.59 -3.38
N4 OMC B 5 8.35 -9.89 -0.81
C1' OMC B 5 7.74 -15.38 -1.31
C2' OMC B 5 8.99 -16.08 -1.88
O2' OMC B 5 8.64 -17.20 -2.68
CM2 OMC B 5 7.45 -17.13 -3.54
C3' OMC B 5 9.72 -16.39 -0.58
C4' OMC B 5 8.58 -16.91 0.29
O4' OMC B 5 7.50 -15.99 -0.03
O3' OMC B 5 10.82 -17.25 -0.75
C5' OMC B 5 8.80 -16.88 1.79
O5' OMC B 5 9.25 -15.58 2.20
P OMC B 5 9.52 -15.24 3.73
OP1 OMC B 5 10.30 -16.33 4.34
OP2 OMC B 5 10.03 -13.85 3.84
N1 OMC B 6 11.25 -13.11 -4.74
C2 OMC B 6 11.39 -11.82 -5.30
N3 OMC B 6 11.49 -10.75 -4.50
C4 OMC B 6 11.46 -10.90 -3.18
C5 OMC B 6 11.33 -12.18 -2.57
C6 OMC B 6 11.23 -13.25 -3.38
O2 OMC B 6 11.42 -11.71 -6.54
N4 OMC B 6 11.53 -9.80 -2.43
C1' OMC B 6 11.11 -14.26 -5.64
C2' OMC B 6 12.43 -14.63 -6.32
O2' OMC B 6 12.19 -15.25 -7.57
CM2 OMC B 6 11.34 -14.61 -8.56
C3' OMC B 6 13.01 -15.60 -5.31
C4' OMC B 6 11.76 -16.40 -4.93
O4' OMC B 6 10.71 -15.40 -4.90
O3' OMC B 6 13.95 -16.47 -5.91
C5' OMC B 6 11.83 -17.11 -3.59
O5' OMC B 6 12.21 -16.20 -2.57
P OMC B 6 12.28 -16.63 -1.03
OP1 OMC B 6 13.28 -17.70 -0.91
OP2 OMC B 6 12.44 -15.38 -0.27
P OMG B 24 10.81 0.27 -6.15
OP1 OMG B 24 9.94 1.37 -6.62
OP2 OMG B 24 10.50 -0.40 -4.86
O5' OMG B 24 10.89 -0.90 -7.22
C5' OMG B 24 11.18 -0.65 -8.58
C4' OMG B 24 11.30 -1.96 -9.33
O4' OMG B 24 12.46 -2.70 -8.85
C3' OMG B 24 10.16 -2.95 -9.14
O3' OMG B 24 9.00 -2.62 -9.90
C2' OMG B 24 10.83 -4.25 -9.59
O2' OMG B 24 10.92 -4.39 -11.01
CM2 OMG B 24 11.73 -5.45 -11.60
C1' OMG B 24 12.18 -4.10 -8.87
N9 OMG B 24 12.12 -4.58 -7.48
C8 OMG B 24 12.17 -3.82 -6.33
N7 OMG B 24 12.12 -4.53 -5.23
C5 OMG B 24 12.04 -5.85 -5.68
C6 OMG B 24 11.96 -7.06 -4.96
O6 OMG B 24 11.97 -7.23 -3.72
N1 OMG B 24 11.86 -8.16 -5.81
C2 OMG B 24 11.85 -8.10 -7.20
N2 OMG B 24 11.75 -9.27 -7.87
N3 OMG B 24 11.94 -6.97 -7.88
C4 OMG B 24 12.03 -5.89 -7.06
P OMG B 25 7.55 -3.02 -9.34
OP1 OMG B 25 6.56 -2.28 -10.16
OP2 OMG B 25 7.60 -2.78 -7.88
O5' OMG B 25 7.43 -4.58 -9.61
C5' OMG B 25 7.52 -5.13 -10.92
C4' OMG B 25 7.46 -6.64 -10.88
O4' OMG B 25 8.63 -7.16 -10.16
C3' OMG B 25 6.30 -7.25 -10.09
O3' OMG B 25 5.09 -7.30 -10.83
C2' OMG B 25 6.81 -8.64 -9.79
O2' OMG B 25 6.71 -9.55 -10.86
CM2 OMG B 25 7.13 -10.92 -10.67
C1' OMG B 25 8.25 -8.31 -9.41
N9 OMG B 25 8.38 -8.02 -7.98
C8 OMG B 25 8.72 -6.82 -7.40
N7 OMG B 25 8.84 -6.90 -6.09
C5 OMG B 25 8.54 -8.22 -5.80
C6 OMG B 25 8.51 -8.90 -4.54
O6 OMG B 25 8.76 -8.44 -3.44
N1 OMG B 25 8.15 -10.22 -4.68
C2 OMG B 25 7.86 -10.85 -5.87
N2 OMG B 25 7.54 -12.14 -5.77
N3 OMG B 25 7.89 -10.24 -7.05
C4 OMG B 25 8.23 -8.93 -6.94
P A2M B 26 3.70 -7.00 -10.09
OP1 A2M B 26 2.73 -6.70 -11.17
O5' A2M B 26 3.32 -8.40 -9.42
C5' A2M B 26 3.22 -9.58 -10.20
C4' A2M B 26 3.06 -10.80 -9.32
O4' A2M B 26 4.28 -11.02 -8.57
C3' A2M B 26 1.99 -10.69 -8.24
O3' A2M B 26 0.68 -10.90 -8.75
C2' A2M B 26 2.44 -11.75 -7.26
O2' A2M B 26 2.09 -13.08 -7.66
C1' A2M B 26 3.95 -11.51 -7.27
CM' A2M B 26 2.87 -14.23 -7.23
N9 A2M B 26 4.35 -10.50 -6.29
C8 A2M B 26 4.71 -9.20 -6.47
N7 A2M B 26 5.07 -8.59 -5.36
C5 A2M B 26 4.91 -9.57 -4.39
C6 A2M B 26 5.11 -9.57 -3.00
N6 A2M B 26 5.54 -8.51 -2.31
N1 A2M B 26 4.85 -10.72 -2.32
C2 A2M B 26 4.41 -11.78 -3.00
N3 A2M B 26 4.18 -11.90 -4.30
C4 A2M B 26 4.46 -10.74 -4.94
OP2 A2M B 26 3.95 -6.01 -9.01
P OMG B 27 -0.53 -10.07 -8.13
OP1 OMG B 27 -1.68 -10.24 -9.05
OP2 OMG B 27 -0.08 -8.71 -7.75
O5' OMG B 27 -0.84 -10.78 -6.73
C5' OMG B 27 -1.30 -12.12 -6.66
C4' OMG B 27 -1.21 -12.63 -5.24
O4' OMG B 27 0.17 -12.53 -4.77
C3' OMG B 27 -2.00 -11.86 -4.19
O3' OMG B 27 -3.38 -12.22 -4.24
C2' OMG B 27 -1.28 -12.30 -2.91
O2' OMG B 27 -1.61 -13.62 -2.46
CM2 OMG B 27 -0.67 -14.28 -1.59
C1' OMG B 27 0.17 -12.26 -3.37
N9 OMG B 27 0.79 -10.98 -3.12
C8 OMG B 27 1.07 -9.98 -4.02
N7 OMG B 27 1.66 -8.95 -3.47
C5 OMG B 27 1.77 -9.29 -2.12
C6 OMG B 27 2.31 -8.57 -1.02
O6 OMG B 27 2.83 -7.45 -1.02
N1 OMG B 27 2.21 -9.29 0.16
C2 OMG B 27 1.67 -10.54 0.28
N2 OMG B 27 1.69 -11.09 1.51
N3 OMG B 27 1.14 -11.21 -0.74
C4 OMG B 27 1.23 -10.53 -1.89
N1 OMC B 28 -1.97 -9.27 0.28
C2 OMC B 28 -1.28 -8.40 1.13
N3 OMC B 28 -0.62 -7.35 0.61
C4 OMC B 28 -0.65 -7.14 -0.72
C5 OMC B 28 -1.37 -8.00 -1.60
C6 OMC B 28 -2.01 -9.04 -1.06
O2 OMC B 28 -1.30 -8.61 2.35
N4 OMC B 28 0.03 -6.09 -1.19
C1' OMC B 28 -2.62 -10.45 0.89
C2' OMC B 28 -3.93 -10.08 1.59
O2' OMC B 28 -4.16 -10.93 2.69
CM2 OMC B 28 -3.08 -11.07 3.66
C3' OMC B 28 -4.90 -10.30 0.44
C4' OMC B 28 -4.39 -11.61 -0.12
O4' OMC B 28 -2.95 -11.41 -0.11
O3' OMC B 28 -6.26 -10.38 0.87
C5' OMC B 28 -4.85 -11.94 -1.49
O5' OMC B 28 -4.47 -10.90 -2.38
P OMC B 28 -4.52 -11.12 -3.95
OP1 OMC B 28 -5.78 -11.77 -4.33
OP2 OMC B 28 -4.17 -9.80 -4.53
P OMG B 29 -7.17 -9.06 0.84
OP1 OMG B 29 -8.52 -9.47 1.29
OP2 OMG B 29 -6.99 -8.44 -0.48
O5' OMG B 29 -6.51 -8.10 1.94
C5' OMG B 29 -6.74 -8.32 3.32
C4' OMG B 29 -5.88 -7.40 4.14
O4' OMG B 29 -4.56 -7.33 3.59
C3' OMG B 29 -6.31 -5.94 4.23
O3' OMG B 29 -7.26 -5.77 5.27
C2' OMG B 29 -5.02 -5.24 4.66
O2' OMG B 29 -4.83 -5.12 6.06
CM2 OMG B 29 -3.52 -5.24 6.66
C1' OMG B 29 -3.96 -6.10 3.97
N9 OMG B 29 -3.41 -5.48 2.76
C8 OMG B 29 -3.68 -5.82 1.46
N7 OMG B 29 -3.01 -5.10 0.60
C5 OMG B 29 -2.26 -4.24 1.38
C6 OMG B 29 -1.34 -3.23 1.00
O6 OMG B 29 -1.00 -2.90 -0.13
N1 OMG B 29 -0.80 -2.59 2.10
C2 OMG B 29 -1.10 -2.88 3.40
N2 OMG B 29 -0.49 -2.15 4.32
N3 OMG B 29 -1.96 -3.82 3.77
C4 OMG B 29 -2.49 -4.45 2.72
N ALA C 1 -43.74 43.90 -8.16
CA ALA C 1 -43.76 43.61 -6.71
C ALA C 1 -42.32 43.43 -6.20
N THR C 2 -42.07 43.88 -4.97
CA THR C 2 -40.76 43.77 -4.36
C THR C 2 -40.87 42.87 -3.13
N TRP C 3 -40.02 41.85 -3.05
CA TRP C 3 -40.04 40.97 -1.90
C TRP C 3 -38.85 41.25 -0.99
N THR C 4 -39.11 41.21 0.32
CA THR C 4 -38.07 41.47 1.29
C THR C 4 -37.82 40.26 2.17
N CYS C 5 -36.55 39.88 2.28
CA CYS C 5 -36.19 38.78 3.13
C CYS C 5 -35.25 39.33 4.15
N ILE C 6 -35.34 38.82 5.37
CA ILE C 6 -34.43 39.25 6.41
C ILE C 6 -33.54 38.03 6.58
N ASN C 7 -32.26 38.20 6.29
CA ASN C 7 -31.35 37.10 6.41
C ASN C 7 -30.22 37.49 7.34
N GLN C 8 -30.00 36.67 8.35
CA GLN C 8 -28.94 36.90 9.33
C GLN C 8 -27.59 36.53 8.70
N GLN C 9 -26.62 37.41 8.82
CA GLN C 9 -25.32 37.14 8.25
C GLN C 9 -24.30 37.46 9.31
N LEU C 10 -23.26 36.64 9.36
CA LEU C 10 -22.20 36.78 10.34
C LEU C 10 -21.25 37.94 10.05
N ASN C 11 -21.39 39.01 10.84
CA ASN C 11 -20.51 40.16 10.69
C ASN C 11 -19.21 39.66 11.32
N PRO C 12 -18.11 39.68 10.57
CA PRO C 12 -16.81 39.20 11.10
C PRO C 12 -16.29 40.02 12.29
N LYS C 13 -16.39 41.33 12.19
CA LYS C 13 -15.92 42.23 13.24
C LYS C 13 -16.60 42.07 14.60
N THR C 14 -17.87 41.74 14.59
CA THR C 14 -18.60 41.55 15.84
C THR C 14 -18.85 40.07 16.10
N ASN C 15 -18.38 39.23 15.18
CA ASN C 15 -18.59 37.78 15.25
C ASN C 15 -20.03 37.42 15.66
N LYS C 16 -20.96 38.32 15.41
CA LYS C 16 -22.34 38.01 15.74
C LYS C 16 -23.20 38.08 14.47
N TRP C 17 -24.26 37.27 14.45
CA TRP C 17 -25.14 37.22 13.30
C TRP C 17 -26.06 38.43 13.29
N GLU C 18 -26.03 39.17 12.17
CA GLU C 18 -26.85 40.38 12.04
C GLU C 18 -27.88 40.29 10.93
N ASP C 19 -29.00 40.97 11.11
CA ASP C 19 -30.07 40.96 10.12
C ASP C 19 -29.75 41.82 8.90
N LYS C 20 -29.76 41.19 7.73
CA LYS C 20 -29.53 41.90 6.49
C LYS C 20 -30.87 41.87 5.78
N ARG C 21 -31.37 43.04 5.41
CA ARG C 21 -32.63 43.16 4.71
C ARG C 21 -32.29 43.01 3.22
N LEU C 22 -32.89 42.02 2.56
CA LEU C 22 -32.59 41.79 1.14
C LEU C 22 -33.86 41.92 0.29
N LEU C 23 -33.78 42.75 -0.76
CA LEU C 23 -34.91 43.02 -1.66
C LEU C 23 -34.84 42.34 -3.01
N TYR C 24 -35.94 41.71 -3.41
CA TYR C 24 -35.99 40.99 -4.67
C TYR C 24 -37.14 41.48 -5.53
N SER C 25 -36.87 41.59 -6.83
CA SER C 25 -37.86 41.98 -7.81
C SER C 25 -38.55 40.74 -8.32
N GLN C 26 -39.86 40.65 -8.13
CA GLN C 26 -40.60 39.49 -8.59
C GLN C 26 -40.39 39.30 -10.08
N ALA C 27 -40.37 40.39 -10.81
CA ALA C 27 -40.20 40.28 -12.25
C ALA C 27 -38.87 39.60 -12.56
N LYS C 28 -37.80 39.99 -11.87
CA LYS C 28 -36.50 39.39 -12.12
C LYS C 28 -36.45 37.93 -11.67
N ALA C 29 -37.08 37.63 -10.53
CA ALA C 29 -37.11 36.26 -10.02
C ALA C 29 -37.82 35.38 -11.04
N GLU C 30 -38.96 35.86 -11.54
CA GLU C 30 -39.72 35.12 -12.55
C GLU C 30 -38.84 34.87 -13.77
N SER C 31 -38.14 35.91 -14.23
CA SER C 31 -37.26 35.75 -15.38
C SER C 31 -36.20 34.66 -15.09
N ASN C 32 -35.72 34.62 -13.84
CA ASN C 32 -34.75 33.59 -13.44
C ASN C 32 -35.34 32.20 -13.64
N SER C 33 -36.60 32.04 -13.26
CA SER C 33 -37.25 30.76 -13.34
C SER C 33 -37.45 30.34 -14.80
N HIS C 34 -37.60 31.30 -15.69
CA HIS C 34 -37.79 30.98 -17.11
C HIS C 34 -36.46 30.59 -17.77
N HIS C 35 -35.37 31.21 -17.33
CA HIS C 35 -34.06 30.91 -17.90
C HIS C 35 -33.50 29.58 -17.41
N ALA C 36 -34.01 29.10 -16.28
CA ALA C 36 -33.57 27.82 -15.73
C ALA C 36 -34.36 26.74 -16.45
N PRO C 37 -33.76 25.54 -16.61
CA PRO C 37 -34.40 24.40 -17.28
C PRO C 37 -35.59 23.78 -16.51
N LEU C 38 -36.51 23.18 -17.25
CA LEU C 38 -37.66 22.55 -16.63
C LEU C 38 -37.31 21.12 -16.29
N SER C 39 -36.49 20.99 -15.25
CA SER C 39 -36.03 19.69 -14.80
C SER C 39 -35.93 19.68 -13.29
N ASP C 40 -35.78 18.47 -12.74
CA ASP C 40 -35.65 18.31 -11.30
C ASP C 40 -34.27 17.69 -11.07
N GLY C 41 -33.30 18.56 -10.79
CA GLY C 41 -31.95 18.09 -10.58
C GLY C 41 -31.38 17.83 -11.96
N LYS C 42 -30.43 16.91 -12.05
CA LYS C 42 -29.82 16.57 -13.32
C LYS C 42 -28.97 17.71 -13.87
N THR C 43 -28.63 18.68 -13.04
CA THR C 43 -27.77 19.78 -13.50
C THR C 43 -26.54 19.77 -12.62
N GLY C 44 -25.46 20.39 -13.11
CA GLY C 44 -24.23 20.45 -12.34
C GLY C 44 -24.40 21.03 -10.94
N SER C 45 -25.24 22.07 -10.80
CA SER C 45 -25.45 22.71 -9.51
C SER C 45 -26.50 22.00 -8.66
N SER C 46 -27.33 21.21 -9.31
CA SER C 46 -28.44 20.46 -8.70
C SER C 46 -29.73 21.28 -8.76
N TYR C 47 -29.62 22.56 -9.15
CA TYR C 47 -30.81 23.43 -9.25
C TYR C 47 -31.19 23.61 -10.72
N PRO C 48 -32.49 23.79 -11.01
CA PRO C 48 -33.54 23.81 -9.99
C PRO C 48 -33.90 22.40 -9.55
N HIS C 49 -34.53 22.26 -8.38
CA HIS C 49 -34.96 20.93 -7.94
C HIS C 49 -36.21 21.02 -7.08
N TRP C 50 -36.88 19.88 -6.95
CA TRP C 50 -38.12 19.79 -6.19
C TRP C 50 -38.08 20.41 -4.81
N PHE C 51 -39.04 21.30 -4.54
CA PHE C 51 -39.19 21.92 -3.22
C PHE C 51 -40.44 21.21 -2.65
N THR C 52 -40.22 20.32 -1.69
CA THR C 52 -41.32 19.52 -1.12
C THR C 52 -42.40 20.25 -0.34
N ASN C 53 -42.07 21.43 0.18
CA ASN C 53 -42.98 22.23 0.98
C ASN C 53 -43.67 21.34 2.02
N GLY C 54 -42.94 20.33 2.51
CA GLY C 54 -43.47 19.45 3.54
C GLY C 54 -44.21 18.17 3.14
N TYR C 55 -44.33 17.90 1.85
CA TYR C 55 -45.04 16.70 1.37
C TYR C 55 -44.11 15.64 0.80
N ASP C 56 -44.65 14.45 0.53
CA ASP C 56 -43.89 13.39 -0.11
C ASP C 56 -44.44 13.42 -1.53
N GLY C 57 -44.00 12.50 -2.39
CA GLY C 57 -44.47 12.49 -3.76
C GLY C 57 -45.96 12.26 -4.03
N ASN C 58 -46.67 11.67 -3.07
CA ASN C 58 -48.09 11.41 -3.25
C ASN C 58 -48.94 12.45 -2.53
N GLY C 59 -48.47 13.69 -2.48
CA GLY C 59 -49.22 14.72 -1.81
C GLY C 59 -49.53 14.44 -0.35
N LYS C 60 -48.81 13.51 0.25
CA LYS C 60 -49.02 13.19 1.66
C LYS C 60 -48.13 14.10 2.51
N LEU C 61 -48.73 14.79 3.46
CA LEU C 61 -48.00 15.71 4.31
C LEU C 61 -47.17 14.99 5.37
N ILE C 62 -45.91 15.39 5.50
CA ILE C 62 -45.03 14.80 6.49
C ILE C 62 -45.56 15.23 7.84
N LYS C 63 -45.66 14.28 8.78
CA LYS C 63 -46.17 14.59 10.11
C LYS C 63 -45.42 15.74 10.75
N GLY C 64 -46.15 16.59 11.46
CA GLY C 64 -45.55 17.73 12.14
C GLY C 64 -44.97 18.75 11.17
N ARG C 65 -45.66 18.98 10.07
CA ARG C 65 -45.20 19.94 9.09
C ARG C 65 -46.31 20.83 8.58
N THR C 66 -46.01 22.11 8.47
CA THR C 66 -46.97 23.07 7.98
C THR C 66 -46.41 23.64 6.69
N PRO C 67 -47.02 23.32 5.56
CA PRO C 67 -46.50 23.84 4.31
C PRO C 67 -46.62 25.36 4.29
N ILE C 68 -45.85 25.99 3.41
CA ILE C 68 -45.92 27.43 3.28
C ILE C 68 -47.18 27.71 2.49
N LYS C 69 -47.99 28.66 2.94
CA LYS C 69 -49.20 29.03 2.20
C LYS C 69 -48.78 30.12 1.22
N PHE C 70 -48.83 29.82 -0.08
CA PHE C 70 -48.43 30.79 -1.08
C PHE C 70 -49.54 31.73 -1.55
N GLY C 71 -50.80 31.29 -1.45
CA GLY C 71 -51.91 32.14 -1.86
C GLY C 71 -52.33 32.00 -3.31
N LYS C 72 -51.92 30.92 -3.95
CA LYS C 72 -52.27 30.64 -5.34
C LYS C 72 -52.60 29.16 -5.39
N ALA C 73 -53.83 28.83 -5.75
CA ALA C 73 -54.26 27.42 -5.80
C ALA C 73 -53.17 26.48 -6.34
N ASP C 74 -52.62 26.78 -7.51
CA ASP C 74 -51.58 25.94 -8.09
C ASP C 74 -50.39 25.69 -7.16
N CYS C 75 -50.05 26.71 -6.39
CA CYS C 75 -48.91 26.64 -5.49
C CYS C 75 -49.19 25.94 -4.20
N ASP C 76 -50.45 25.97 -3.80
CA ASP C 76 -50.84 25.36 -2.53
C ASP C 76 -51.40 23.96 -2.65
N ARG C 77 -51.51 23.45 -3.87
CA ARG C 77 -52.04 22.11 -4.01
C ARG C 77 -50.99 21.06 -3.65
N PRO C 78 -51.41 20.00 -2.94
CA PRO C 78 -50.44 18.96 -2.57
C PRO C 78 -49.79 18.51 -3.88
N PRO C 79 -48.49 18.21 -3.86
CA PRO C 79 -47.84 17.79 -5.10
C PRO C 79 -47.96 16.33 -5.55
N LYS C 80 -47.65 16.12 -6.82
CA LYS C 80 -47.60 14.80 -7.42
C LYS C 80 -46.21 14.80 -8.04
N HIS C 81 -45.27 14.17 -7.35
CA HIS C 81 -43.89 14.13 -7.82
C HIS C 81 -43.38 12.71 -7.93
N SER C 82 -43.20 12.25 -9.16
CA SER C 82 -42.71 10.90 -9.41
C SER C 82 -41.19 10.84 -9.27
N GLN C 83 -40.66 9.62 -9.28
CA GLN C 83 -39.22 9.36 -9.13
C GLN C 83 -38.30 10.37 -9.78
N ASN C 84 -38.42 10.55 -11.09
CA ASN C 84 -37.56 11.48 -11.79
C ASN C 84 -38.17 12.89 -11.86
N GLY C 85 -39.34 13.08 -11.26
CA GLY C 85 -39.96 14.39 -11.30
C GLY C 85 -40.27 14.82 -12.72
N MET C 86 -40.42 13.85 -13.62
CA MET C 86 -40.72 14.15 -15.02
C MET C 86 -41.97 13.42 -15.57
N GLY C 87 -42.75 12.80 -14.67
CA GLY C 87 -43.96 12.11 -15.11
C GLY C 87 -44.85 13.05 -15.89
N LYS C 88 -45.65 12.50 -16.81
CA LYS C 88 -46.53 13.31 -17.66
C LYS C 88 -47.82 13.72 -16.95
N ASP C 89 -47.77 13.72 -15.63
CA ASP C 89 -48.93 14.06 -14.82
C ASP C 89 -48.44 14.74 -13.54
N ASP C 90 -47.16 15.06 -13.51
CA ASP C 90 -46.60 15.69 -12.31
C ASP C 90 -46.88 17.17 -12.17
N HIS C 91 -47.01 17.59 -10.92
CA HIS C 91 -47.24 18.97 -10.56
C HIS C 91 -46.68 19.12 -9.16
N TYR C 92 -45.63 19.94 -9.06
CA TYR C 92 -44.97 20.17 -7.79
C TYR C 92 -44.17 21.47 -7.85
N LEU C 93 -43.61 21.86 -6.71
CA LEU C 93 -42.86 23.09 -6.66
C LEU C 93 -41.36 22.88 -6.89
N LEU C 94 -40.75 23.82 -7.61
CA LEU C 94 -39.32 23.81 -7.87
C LEU C 94 -38.70 25.03 -7.17
N GLU C 95 -37.47 24.90 -6.67
CA GLU C 95 -36.80 26.03 -6.03
C GLU C 95 -35.58 26.30 -6.89
N PHE C 96 -35.21 27.56 -6.99
CA PHE C 96 -34.05 27.96 -7.79
C PHE C 96 -33.45 29.20 -7.16
N PRO C 97 -32.12 29.28 -7.11
CA PRO C 97 -31.49 30.46 -6.50
C PRO C 97 -31.91 31.77 -7.14
N THR C 98 -32.16 32.78 -6.30
CA THR C 98 -32.51 34.09 -6.81
C THR C 98 -31.78 35.14 -5.96
N PHE C 99 -31.35 36.23 -6.61
CA PHE C 99 -30.57 37.28 -5.94
C PHE C 99 -31.11 38.70 -6.10
N PRO C 100 -30.75 39.60 -5.16
CA PRO C 100 -31.26 40.97 -5.30
C PRO C 100 -30.93 41.58 -6.66
N ASP C 101 -29.71 41.32 -7.15
CA ASP C 101 -29.28 41.90 -8.44
C ASP C 101 -29.95 41.24 -9.64
N GLY C 102 -30.75 40.21 -9.39
CA GLY C 102 -31.47 39.55 -10.46
C GLY C 102 -30.74 38.64 -11.43
N HIS C 103 -29.43 38.48 -11.30
CA HIS C 103 -28.71 37.64 -12.25
C HIS C 103 -29.15 36.20 -12.23
N ASP C 104 -28.95 35.54 -13.36
CA ASP C 104 -29.30 34.12 -13.50
C ASP C 104 -28.22 33.24 -12.91
N TYR C 105 -28.63 32.36 -12.01
CA TYR C 105 -27.72 31.44 -11.34
C TYR C 105 -27.07 30.49 -12.38
N LYS C 106 -25.78 30.19 -12.22
CA LYS C 106 -25.11 29.31 -13.18
C LYS C 106 -25.42 27.87 -12.79
N PHE C 107 -26.62 27.44 -13.16
CA PHE C 107 -27.13 26.11 -12.83
C PHE C 107 -26.34 24.94 -13.39
N ASP C 108 -25.52 25.16 -14.40
CA ASP C 108 -24.79 24.07 -15.03
C ASP C 108 -23.42 23.79 -14.44
N SER C 109 -22.94 24.62 -13.52
CA SER C 109 -21.63 24.39 -12.97
C SER C 109 -21.61 23.65 -11.64
N LYS C 110 -20.80 22.59 -11.60
CA LYS C 110 -20.65 21.78 -10.41
C LYS C 110 -19.37 22.09 -9.65
N LYS C 111 -18.28 22.27 -10.38
CA LYS C 111 -16.98 22.55 -9.77
C LYS C 111 -16.22 23.67 -10.48
N PRO C 112 -16.13 24.86 -9.84
CA PRO C 112 -16.76 25.12 -8.55
C PRO C 112 -18.20 25.47 -8.83
N LYS C 113 -19.07 25.32 -7.84
CA LYS C 113 -20.46 25.66 -8.11
C LYS C 113 -20.73 27.03 -7.52
N GLU C 114 -21.56 27.81 -8.18
CA GLU C 114 -21.89 29.14 -7.68
C GLU C 114 -22.62 29.03 -6.36
N ASP C 115 -22.37 29.99 -5.47
CA ASP C 115 -23.02 30.05 -4.17
C ASP C 115 -24.49 30.40 -4.42
N PRO C 116 -25.41 29.48 -4.14
CA PRO C 116 -26.84 29.76 -4.35
C PRO C 116 -27.41 30.90 -3.50
N GLY C 117 -26.70 31.28 -2.45
CA GLY C 117 -27.20 32.38 -1.64
C GLY C 117 -28.31 31.90 -0.71
N PRO C 118 -28.89 32.79 0.09
CA PRO C 118 -29.96 32.46 1.03
C PRO C 118 -31.39 32.36 0.49
N ALA C 119 -31.63 32.90 -0.70
CA ALA C 119 -32.97 32.93 -1.26
C ALA C 119 -33.30 32.06 -2.47
N ARG C 120 -34.56 31.68 -2.59
CA ARG C 120 -35.01 30.89 -3.72
C ARG C 120 -36.32 31.44 -4.30
N VAL C 121 -36.45 31.35 -5.61
CA VAL C 121 -37.72 31.74 -6.20
C VAL C 121 -38.43 30.38 -6.26
N ILE C 122 -39.67 30.31 -5.76
CA ILE C 122 -40.40 29.05 -5.82
C ILE C 122 -41.44 29.14 -6.95
N TYR C 123 -41.45 28.16 -7.84
CA TYR C 123 -42.40 28.14 -8.96
C TYR C 123 -42.87 26.71 -9.28
N THR C 124 -44.02 26.60 -9.92
CA THR C 124 -44.59 25.28 -10.23
C THR C 124 -44.01 24.54 -11.41
N TYR C 125 -44.14 23.21 -11.36
CA TYR C 125 -43.73 22.35 -12.46
C TYR C 125 -45.09 21.87 -12.97
N PRO C 126 -45.29 21.89 -14.30
CA PRO C 126 -44.36 22.28 -15.36
C PRO C 126 -44.67 23.60 -16.07
N ASN C 127 -45.63 24.35 -15.55
CA ASN C 127 -46.03 25.62 -16.16
C ASN C 127 -45.33 26.85 -15.60
N LYS C 128 -44.45 26.62 -14.63
CA LYS C 128 -43.69 27.68 -14.01
C LYS C 128 -44.56 28.84 -13.55
N VAL C 129 -45.59 28.51 -12.77
CA VAL C 129 -46.44 29.54 -12.21
C VAL C 129 -45.65 30.06 -11.01
N PHE C 130 -45.44 31.37 -10.94
CA PHE C 130 -44.70 31.97 -9.83
C PHE C 130 -45.47 31.77 -8.53
N CYS C 131 -44.77 31.33 -7.48
CA CYS C 131 -45.41 31.11 -6.18
C CYS C 131 -44.99 32.19 -5.17
N GLY C 132 -43.68 32.30 -4.96
CA GLY C 132 -43.17 33.29 -4.03
C GLY C 132 -41.66 33.26 -3.88
N ILE C 133 -41.15 34.08 -2.98
CA ILE C 133 -39.73 34.13 -2.69
C ILE C 133 -39.58 33.62 -1.26
N VAL C 134 -38.66 32.67 -1.06
CA VAL C 134 -38.41 32.13 0.27
C VAL C 134 -36.92 32.25 0.51
N ALA C 135 -36.54 32.21 1.77
CA ALA C 135 -35.15 32.36 2.15
C ALA C 135 -34.83 31.74 3.49
N HIS C 136 -33.56 31.40 3.67
CA HIS C 136 -33.06 30.86 4.93
C HIS C 136 -33.05 32.03 5.90
N GLN C 137 -33.32 31.75 7.17
CA GLN C 137 -33.32 32.82 8.17
C GLN C 137 -31.88 33.16 8.55
N ARG C 138 -31.02 32.15 8.65
CA ARG C 138 -29.63 32.38 9.03
C ARG C 138 -28.66 31.82 7.99
N GLY C 139 -27.86 32.71 7.40
CA GLY C 139 -26.88 32.26 6.42
C GLY C 139 -27.55 31.54 5.28
N ASN C 140 -26.89 30.50 4.79
CA ASN C 140 -27.40 29.72 3.65
C ASN C 140 -27.72 28.27 4.03
N GLN C 141 -28.32 28.07 5.18
CA GLN C 141 -28.67 26.72 5.62
C GLN C 141 -29.90 26.75 6.50
N GLY C 142 -30.49 25.59 6.72
CA GLY C 142 -31.69 25.52 7.55
C GLY C 142 -32.90 25.43 6.64
N ASP C 143 -34.09 25.69 7.15
CA ASP C 143 -35.29 25.64 6.33
C ASP C 143 -35.46 26.93 5.54
N LEU C 144 -36.41 26.93 4.61
CA LEU C 144 -36.67 28.12 3.80
C LEU C 144 -38.02 28.66 4.23
N ARG C 145 -38.09 29.95 4.50
CA ARG C 145 -39.35 30.56 4.93
C ARG C 145 -39.76 31.70 4.02
N LEU C 146 -41.06 31.81 3.80
CA LEU C 146 -41.63 32.81 2.92
C LEU C 146 -41.24 34.24 3.30
N CYS C 147 -40.78 35.00 2.32
CA CYS C 147 -40.40 36.38 2.59
C CYS C 147 -41.65 37.26 2.46
N SER C 148 -41.53 38.55 2.72
CA SER C 148 -42.69 39.42 2.63
C SER C 148 -42.72 40.23 1.33
N HIS C 149 -43.91 40.67 0.94
CA HIS C 149 -44.10 41.45 -0.27
C HIS C 149 -45.36 42.29 -0.17
N ALA D 1 43.64 -44.03 1.05
CA ALA D 1 43.51 -43.91 2.54
C ALA D 1 42.08 -43.56 2.92
N THR D 2 41.68 -44.01 4.10
CA THR D 2 40.33 -43.77 4.64
C THR D 2 40.45 -42.86 5.86
N TRP D 3 39.64 -41.82 5.92
CA TRP D 3 39.69 -40.91 7.06
C TRP D 3 38.43 -41.12 7.88
N THR D 4 38.56 -40.98 9.20
CA THR D 4 37.43 -41.17 10.09
C THR D 4 37.12 -39.88 10.85
N CYS D 5 35.88 -39.41 10.76
CA CYS D 5 35.50 -38.20 11.47
C CYS D 5 34.41 -38.60 12.46
N ILE D 6 34.50 -38.10 13.70
CA ILE D 6 33.46 -38.43 14.67
C ILE D 6 32.57 -37.22 14.81
N ASN D 7 31.28 -37.39 14.54
CA ASN D 7 30.35 -36.28 14.59
C ASN D 7 29.08 -36.58 15.38
N GLN D 8 28.86 -35.84 16.46
CA GLN D 8 27.65 -36.03 17.25
C GLN D 8 26.54 -35.44 16.39
N GLN D 9 25.59 -36.26 16.02
CA GLN D 9 24.52 -35.78 15.18
C GLN D 9 23.18 -36.35 15.60
N LEU D 10 22.15 -35.52 15.48
CA LEU D 10 20.80 -35.91 15.82
C LEU D 10 20.20 -36.74 14.69
N ASN D 11 20.34 -38.05 14.78
CA ASN D 11 19.80 -38.96 13.76
C ASN D 11 18.35 -38.57 13.45
N PRO D 12 18.11 -38.00 12.25
CA PRO D 12 16.77 -37.57 11.85
C PRO D 12 15.73 -38.70 11.80
N LYS D 13 16.22 -39.93 11.62
CA LYS D 13 15.35 -41.11 11.55
C LYS D 13 14.95 -41.64 12.93
N THR D 14 15.39 -40.96 13.99
CA THR D 14 15.11 -41.39 15.36
C THR D 14 14.94 -40.22 16.33
N ASN D 15 15.39 -39.06 15.89
CA ASN D 15 15.38 -37.83 16.68
C ASN D 15 16.13 -38.02 18.01
N LYS D 16 17.18 -38.84 17.97
CA LYS D 16 18.03 -39.09 19.13
C LYS D 16 19.50 -38.99 18.70
N TRP D 17 20.30 -38.24 19.47
CA TRP D 17 21.72 -38.04 19.17
C TRP D 17 22.56 -39.29 19.15
N GLU D 18 23.49 -39.34 18.20
CA GLU D 18 24.40 -40.48 18.09
C GLU D 18 25.79 -39.96 17.77
N ASP D 19 26.79 -40.40 18.53
CA ASP D 19 28.17 -39.99 18.26
C ASP D 19 28.57 -40.93 17.13
N LYS D 20 28.20 -40.54 15.91
CA LYS D 20 28.45 -41.36 14.75
C LYS D 20 29.84 -41.25 14.15
N ARG D 21 30.35 -42.39 13.69
CA ARG D 21 31.67 -42.43 13.05
C ARG D 21 31.39 -42.40 11.56
N LEU D 22 32.10 -41.54 10.86
CA LEU D 22 31.89 -41.43 9.43
C LEU D 22 33.24 -41.68 8.76
N LEU D 23 33.22 -42.53 7.75
CA LEU D 23 34.44 -42.90 7.04
C LEU D 23 34.43 -42.28 5.65
N TYR D 24 35.56 -41.69 5.29
CA TYR D 24 35.70 -41.00 4.03
C TYR D 24 36.86 -41.55 3.20
N SER D 25 36.65 -41.71 1.91
CA SER D 25 37.73 -42.18 1.04
C SER D 25 38.57 -40.97 0.63
N GLN D 26 39.88 -41.04 0.80
CA GLN D 26 40.71 -39.90 0.40
C GLN D 26 40.60 -39.72 -1.11
N ALA D 27 40.73 -40.83 -1.85
CA ALA D 27 40.65 -40.75 -3.30
C ALA D 27 39.37 -40.04 -3.74
N LYS D 28 38.25 -40.37 -3.10
CA LYS D 28 36.99 -39.74 -3.48
C LYS D 28 36.96 -38.26 -3.07
N ALA D 29 37.51 -37.92 -1.91
CA ALA D 29 37.54 -36.52 -1.49
C ALA D 29 38.43 -35.70 -2.44
N GLU D 30 39.48 -36.32 -2.96
CA GLU D 30 40.36 -35.60 -3.89
C GLU D 30 39.59 -35.34 -5.18
N SER D 31 38.86 -36.35 -5.65
CA SER D 31 38.06 -36.23 -6.85
C SER D 31 36.98 -35.14 -6.69
N ASN D 32 36.43 -35.02 -5.48
CA ASN D 32 35.43 -33.99 -5.20
C ASN D 32 36.06 -32.62 -5.45
N SER D 33 37.28 -32.42 -4.97
CA SER D 33 37.96 -31.13 -5.14
C SER D 33 38.29 -30.80 -6.61
N HIS D 34 38.66 -31.80 -7.39
CA HIS D 34 38.95 -31.54 -8.81
C HIS D 34 37.64 -31.22 -9.52
N HIS D 35 36.53 -31.85 -9.12
CA HIS D 35 35.25 -31.57 -9.80
C HIS D 35 34.66 -30.22 -9.41
N ALA D 36 35.10 -29.68 -8.28
CA ALA D 36 34.61 -28.38 -7.83
C ALA D 36 35.33 -27.26 -8.57
N PRO D 37 34.65 -26.13 -8.78
CA PRO D 37 35.27 -25.00 -9.48
C PRO D 37 36.41 -24.40 -8.65
N LEU D 38 37.45 -23.98 -9.34
CA LEU D 38 38.60 -23.38 -8.68
C LEU D 38 38.30 -21.90 -8.41
N SER D 39 37.43 -21.66 -7.43
CA SER D 39 37.03 -20.29 -7.05
C SER D 39 36.75 -20.16 -5.55
N ASP D 40 36.65 -18.92 -5.07
CA ASP D 40 36.38 -18.65 -3.67
C ASP D 40 35.00 -18.02 -3.54
N GLY D 41 34.01 -18.82 -3.22
CA GLY D 41 32.64 -18.31 -3.10
C GLY D 41 32.06 -18.11 -4.50
N LYS D 42 31.18 -17.14 -4.62
CA LYS D 42 30.54 -16.81 -5.90
C LYS D 42 29.57 -17.87 -6.45
N THR D 43 29.56 -19.05 -5.86
CA THR D 43 28.65 -20.08 -6.32
C THR D 43 27.33 -19.99 -5.55
N GLY D 44 26.28 -20.57 -6.10
CA GLY D 44 25.00 -20.55 -5.43
C GLY D 44 25.03 -21.12 -4.01
N SER D 45 25.86 -22.13 -3.77
CA SER D 45 25.92 -22.75 -2.44
C SER D 45 26.93 -22.08 -1.52
N SER D 46 27.85 -21.34 -2.15
CA SER D 46 28.95 -20.60 -1.49
C SER D 46 30.22 -21.45 -1.46
N TYR D 47 30.11 -22.73 -1.81
CA TYR D 47 31.26 -23.64 -1.83
C TYR D 47 31.77 -23.86 -3.25
N PRO D 48 33.10 -24.01 -3.42
CA PRO D 48 34.06 -23.96 -2.32
C PRO D 48 34.40 -22.53 -1.95
N HIS D 49 35.03 -22.36 -0.81
CA HIS D 49 35.46 -21.04 -0.41
C HIS D 49 36.66 -21.15 0.51
N TRP D 50 37.29 -20.00 0.73
CA TRP D 50 38.47 -19.89 1.55
C TRP D 50 38.30 -20.47 2.95
N PHE D 51 39.24 -21.32 3.32
CA PHE D 51 39.31 -21.92 4.66
C PHE D 51 40.53 -21.21 5.29
N THR D 52 40.27 -20.25 6.16
CA THR D 52 41.33 -19.44 6.79
C THR D 52 42.40 -20.19 7.58
N ASN D 53 41.99 -21.24 8.29
CA ASN D 53 42.89 -22.03 9.13
C ASN D 53 43.54 -21.10 10.17
N GLY D 54 42.81 -20.07 10.60
CA GLY D 54 43.31 -19.14 11.60
C GLY D 54 44.16 -17.95 11.15
N TYR D 55 44.24 -17.71 9.85
CA TYR D 55 45.03 -16.59 9.30
C TYR D 55 44.12 -15.53 8.70
N ASP D 56 44.69 -14.35 8.46
CA ASP D 56 43.96 -13.28 7.78
C ASP D 56 44.49 -13.40 6.35
N GLY D 57 44.03 -12.54 5.45
CA GLY D 57 44.49 -12.62 4.08
C GLY D 57 45.96 -12.37 3.83
N ASN D 58 46.65 -11.78 4.81
CA ASN D 58 48.08 -11.50 4.67
C ASN D 58 48.97 -12.59 5.23
N GLY D 59 48.37 -13.69 5.64
CA GLY D 59 49.14 -14.79 6.18
C GLY D 59 49.57 -14.50 7.60
N LYS D 60 48.85 -13.59 8.26
CA LYS D 60 49.17 -13.26 9.65
C LYS D 60 48.23 -14.05 10.54
N LEU D 61 48.81 -14.79 11.48
CA LEU D 61 48.04 -15.61 12.39
C LEU D 61 47.12 -14.76 13.25
N ILE D 62 45.90 -15.23 13.42
CA ILE D 62 44.92 -14.54 14.24
C ILE D 62 45.26 -14.82 15.71
N LYS D 63 45.17 -13.78 16.53
CA LYS D 63 45.43 -13.85 17.95
C LYS D 63 45.20 -15.20 18.63
N GLY D 64 46.28 -15.79 19.13
CA GLY D 64 46.23 -17.05 19.84
C GLY D 64 45.76 -18.33 19.16
N ARG D 65 45.45 -18.25 17.87
CA ARG D 65 44.97 -19.44 17.15
C ARG D 65 46.11 -20.35 16.71
N THR D 66 45.82 -21.64 16.64
CA THR D 66 46.78 -22.62 16.17
C THR D 66 46.17 -23.24 14.91
N PRO D 67 46.79 -23.00 13.75
CA PRO D 67 46.22 -23.57 12.53
C PRO D 67 46.41 -25.08 12.49
N ILE D 68 45.48 -25.76 11.86
CA ILE D 68 45.60 -27.20 11.75
C ILE D 68 46.87 -27.48 10.97
N LYS D 69 47.62 -28.48 11.42
CA LYS D 69 48.85 -28.87 10.75
C LYS D 69 48.53 -30.09 9.90
N PHE D 70 48.49 -29.90 8.59
CA PHE D 70 48.19 -30.96 7.65
C PHE D 70 49.41 -31.83 7.33
N GLY D 71 50.60 -31.27 7.49
CA GLY D 71 51.81 -32.04 7.24
C GLY D 71 52.36 -31.92 5.82
N LYS D 72 52.05 -30.84 5.13
CA LYS D 72 52.54 -30.65 3.77
C LYS D 72 52.88 -29.17 3.59
N ALA D 73 54.04 -28.90 2.98
CA ALA D 73 54.49 -27.53 2.76
C ALA D 73 53.41 -26.61 2.18
N ASP D 74 52.87 -27.01 1.02
CA ASP D 74 51.81 -26.27 0.32
C ASP D 74 50.67 -25.90 1.27
N CYS D 75 50.25 -26.89 2.04
CA CYS D 75 49.14 -26.75 2.97
C CYS D 75 49.43 -25.93 4.22
N ASP D 76 50.62 -26.08 4.78
CA ASP D 76 50.90 -25.38 6.01
C ASP D 76 51.47 -23.96 5.93
N ARG D 77 52.00 -23.57 4.78
CA ARG D 77 52.53 -22.22 4.61
C ARG D 77 51.43 -21.16 4.80
N PRO D 78 51.75 -20.03 5.45
CA PRO D 78 50.76 -18.96 5.68
C PRO D 78 50.13 -18.57 4.33
N PRO D 79 48.83 -18.26 4.33
CA PRO D 79 48.12 -17.87 3.12
C PRO D 79 48.29 -16.47 2.58
N LYS D 80 48.14 -16.38 1.26
CA LYS D 80 48.17 -15.11 0.55
C LYS D 80 46.76 -15.12 -0.08
N HIS D 81 45.83 -14.40 0.52
CA HIS D 81 44.47 -14.36 0.04
C HIS D 81 44.03 -12.93 -0.11
N SER D 82 44.00 -12.44 -1.35
CA SER D 82 43.59 -11.07 -1.59
C SER D 82 42.08 -10.99 -1.68
N GLN D 83 41.54 -9.81 -1.43
CA GLN D 83 40.09 -9.53 -1.44
C GLN D 83 39.15 -10.60 -1.96
N ASN D 84 39.18 -10.80 -3.27
CA ASN D 84 38.29 -11.77 -3.90
C ASN D 84 38.82 -13.18 -3.93
N GLY D 85 40.06 -13.36 -3.48
CA GLY D 85 40.67 -14.69 -3.50
C GLY D 85 41.09 -14.99 -4.92
N MET D 86 41.17 -13.95 -5.74
CA MET D 86 41.56 -14.11 -7.14
C MET D 86 42.91 -13.46 -7.43
N GLY D 87 43.66 -13.15 -6.38
CA GLY D 87 44.97 -12.54 -6.55
C GLY D 87 45.86 -13.29 -7.51
N LYS D 88 46.75 -12.55 -8.18
CA LYS D 88 47.69 -13.09 -9.15
C LYS D 88 48.71 -14.08 -8.55
N ASP D 89 49.15 -13.80 -7.32
CA ASP D 89 50.11 -14.68 -6.64
C ASP D 89 49.48 -15.28 -5.38
N ASP D 90 48.16 -15.22 -5.30
CA ASP D 90 47.43 -15.76 -4.18
C ASP D 90 47.63 -17.26 -4.01
N HIS D 91 47.74 -17.69 -2.76
CA HIS D 91 47.85 -19.10 -2.42
C HIS D 91 47.15 -19.25 -1.07
N TYR D 92 46.17 -20.15 -1.00
CA TYR D 92 45.42 -20.36 0.23
C TYR D 92 44.66 -21.69 0.22
N LEU D 93 43.96 -22.00 1.31
CA LEU D 93 43.21 -23.26 1.37
C LEU D 93 41.74 -23.09 1.05
N LEU D 94 41.18 -24.11 0.39
CA LEU D 94 39.78 -24.10 0.03
C LEU D 94 39.09 -25.24 0.78
N GLU D 95 37.82 -25.06 1.17
CA GLU D 95 37.08 -26.13 1.81
C GLU D 95 35.88 -26.47 0.90
N PHE D 96 35.54 -27.75 0.81
CA PHE D 96 34.42 -28.18 -0.02
C PHE D 96 33.73 -29.35 0.68
N PRO D 97 32.40 -29.47 0.55
CA PRO D 97 31.73 -30.59 1.22
C PRO D 97 32.15 -31.95 0.67
N THR D 98 32.30 -32.94 1.55
CA THR D 98 32.65 -34.29 1.11
C THR D 98 31.84 -35.24 1.99
N PHE D 99 31.48 -36.41 1.46
CA PHE D 99 30.62 -37.36 2.18
C PHE D 99 31.09 -38.78 2.11
N PRO D 100 30.62 -39.63 3.05
CA PRO D 100 31.03 -41.04 3.03
C PRO D 100 30.84 -41.68 1.66
N ASP D 101 29.73 -41.38 1.00
CA ASP D 101 29.45 -41.96 -0.30
C ASP D 101 30.24 -41.35 -1.47
N GLY D 102 31.02 -40.31 -1.19
CA GLY D 102 31.83 -39.67 -2.22
C GLY D 102 31.16 -38.91 -3.36
N HIS D 103 29.86 -38.64 -3.26
CA HIS D 103 29.20 -37.93 -4.33
C HIS D 103 29.67 -36.45 -4.39
N ASP D 104 29.58 -35.85 -5.57
CA ASP D 104 30.00 -34.47 -5.75
C ASP D 104 28.90 -33.53 -5.30
N TYR D 105 29.20 -32.72 -4.30
CA TYR D 105 28.25 -31.75 -3.77
C TYR D 105 27.70 -30.85 -4.90
N LYS D 106 26.41 -30.51 -4.85
CA LYS D 106 25.83 -29.64 -5.87
C LYS D 106 26.18 -28.19 -5.54
N PHE D 107 27.40 -27.81 -5.85
CA PHE D 107 27.90 -26.47 -5.51
C PHE D 107 27.13 -25.27 -6.02
N ASP D 108 26.38 -25.40 -7.10
CA ASP D 108 25.67 -24.22 -7.58
C ASP D 108 24.23 -24.04 -7.12
N SER D 109 23.65 -25.05 -6.49
CA SER D 109 22.29 -24.92 -6.00
C SER D 109 22.22 -23.97 -4.79
N LYS D 110 21.34 -22.98 -4.85
CA LYS D 110 21.18 -22.06 -3.73
C LYS D 110 19.81 -22.32 -3.11
N LYS D 111 18.81 -22.52 -3.97
CA LYS D 111 17.45 -22.78 -3.52
C LYS D 111 16.82 -23.89 -4.34
N PRO D 112 16.68 -25.08 -3.76
CA PRO D 112 17.11 -25.43 -2.40
C PRO D 112 18.62 -25.68 -2.38
N LYS D 113 19.21 -25.50 -1.22
CA LYS D 113 20.64 -25.70 -1.07
C LYS D 113 20.93 -27.09 -0.51
N GLU D 114 21.83 -27.83 -1.15
CA GLU D 114 22.15 -29.15 -0.63
C GLU D 114 22.83 -29.03 0.73
N ASP D 115 22.41 -29.88 1.67
CA ASP D 115 23.01 -29.87 3.02
C ASP D 115 24.50 -30.29 2.84
N PRO D 116 25.44 -29.41 3.23
CA PRO D 116 26.85 -29.74 3.09
C PRO D 116 27.33 -30.80 4.07
N GLY D 117 26.51 -31.10 5.08
CA GLY D 117 26.92 -32.10 6.06
C GLY D 117 28.04 -31.62 6.99
N PRO D 118 28.59 -32.53 7.81
CA PRO D 118 29.66 -32.24 8.76
C PRO D 118 31.10 -32.19 8.25
N ALA D 119 31.38 -32.84 7.12
CA ALA D 119 32.76 -32.90 6.64
C ALA D 119 33.18 -32.04 5.45
N ARG D 120 34.47 -31.71 5.38
CA ARG D 120 35.01 -30.89 4.30
C ARG D 120 36.36 -31.43 3.88
N VAL D 121 36.63 -31.37 2.57
CA VAL D 121 37.94 -31.76 2.08
C VAL D 121 38.63 -30.40 1.97
N ILE D 122 39.83 -30.30 2.54
CA ILE D 122 40.63 -29.06 2.49
C ILE D 122 41.71 -29.26 1.45
N TYR D 123 41.87 -28.28 0.57
CA TYR D 123 42.85 -28.40 -0.50
C TYR D 123 43.37 -27.02 -0.92
N THR D 124 44.52 -26.98 -1.59
CA THR D 124 45.07 -25.69 -1.96
C THR D 124 44.59 -25.04 -3.25
N TYR D 125 44.64 -23.72 -3.24
CA TYR D 125 44.33 -22.89 -4.39
C TYR D 125 45.72 -22.40 -4.77
N PRO D 126 46.09 -22.44 -6.05
CA PRO D 126 45.29 -22.87 -7.21
C PRO D 126 45.58 -24.27 -7.73
N ASN D 127 46.55 -24.96 -7.15
CA ASN D 127 46.88 -26.30 -7.66
C ASN D 127 46.06 -27.47 -7.10
N LYS D 128 45.17 -27.19 -6.16
CA LYS D 128 44.31 -28.23 -5.57
C LYS D 128 45.08 -29.40 -4.98
N VAL D 129 46.12 -29.09 -4.21
CA VAL D 129 46.91 -30.13 -3.55
C VAL D 129 46.09 -30.55 -2.33
N PHE D 130 45.74 -31.83 -2.26
CA PHE D 130 44.95 -32.34 -1.15
C PHE D 130 45.68 -32.06 0.16
N CYS D 131 44.95 -31.54 1.14
CA CYS D 131 45.52 -31.26 2.45
C CYS D 131 45.02 -32.21 3.52
N GLY D 132 43.72 -32.37 3.61
CA GLY D 132 43.20 -33.29 4.60
C GLY D 132 41.69 -33.22 4.65
N ILE D 133 41.09 -34.01 5.53
CA ILE D 133 39.64 -34.01 5.69
C ILE D 133 39.39 -33.53 7.10
N VAL D 134 38.46 -32.58 7.25
CA VAL D 134 38.09 -32.01 8.55
C VAL D 134 36.57 -32.06 8.74
N ALA D 135 36.11 -31.95 9.98
CA ALA D 135 34.68 -32.02 10.22
C ALA D 135 34.24 -31.39 11.54
N HIS D 136 33.01 -30.90 11.56
CA HIS D 136 32.44 -30.32 12.77
C HIS D 136 32.28 -31.50 13.74
N GLN D 137 32.59 -31.28 15.00
CA GLN D 137 32.46 -32.36 15.98
C GLN D 137 30.99 -32.58 16.32
N ARG D 138 30.17 -31.53 16.29
CA ARG D 138 28.75 -31.69 16.60
C ARG D 138 27.82 -31.09 15.56
N GLY D 139 26.98 -31.91 14.95
CA GLY D 139 26.05 -31.39 13.97
C GLY D 139 26.84 -30.82 12.79
N ASN D 140 26.33 -29.74 12.21
CA ASN D 140 26.98 -29.12 11.07
C ASN D 140 27.52 -27.72 11.38
N GLN D 141 27.59 -27.38 12.68
CA GLN D 141 28.11 -26.08 13.07
C GLN D 141 29.36 -26.19 13.92
N GLY D 142 29.95 -25.05 14.23
CA GLY D 142 31.14 -25.01 15.06
C GLY D 142 32.41 -24.91 14.23
N ASP D 143 33.56 -25.08 14.87
CA ASP D 143 34.80 -25.03 14.11
C ASP D 143 34.95 -26.40 13.45
N LEU D 144 35.99 -26.52 12.61
CA LEU D 144 36.27 -27.76 11.91
C LEU D 144 37.53 -28.36 12.48
N ARG D 145 37.48 -29.64 12.84
CA ARG D 145 38.66 -30.31 13.39
C ARG D 145 39.19 -31.34 12.40
N LEU D 146 40.49 -31.59 12.47
CA LEU D 146 41.11 -32.56 11.57
C LEU D 146 40.64 -33.99 11.91
N CYS D 147 40.27 -34.76 10.91
CA CYS D 147 39.84 -36.15 11.13
C CYS D 147 41.05 -37.05 11.06
N SER D 148 40.97 -38.25 11.61
CA SER D 148 42.13 -39.16 11.61
C SER D 148 42.19 -40.07 10.39
N HIS D 149 43.35 -40.67 10.16
CA HIS D 149 43.51 -41.58 9.04
C HIS D 149 44.75 -42.44 9.25
K K E . -11.10 4.39 -7.60
K K F . -14.09 8.92 -5.08
K K G . -33.50 14.03 -7.07
K K H . 11.26 -4.83 -2.57
K K I . 14.23 -9.26 0.57
K K J . 34.00 -14.20 0.33
#